data_3S1J
#
_entry.id   3S1J
#
_cell.length_a   70.034
_cell.length_b   126.225
_cell.length_c   148.395
_cell.angle_alpha   90.00
_cell.angle_beta   90.00
_cell.angle_gamma   90.00
#
_symmetry.space_group_name_H-M   'C 2 2 21'
#
loop_
_entity.id
_entity.type
_entity.pdbx_description
1 polymer 'Hemoglobin-like flavoprotein'
2 non-polymer 'PROTOPORPHYRIN IX CONTAINING FE'
3 non-polymer 'ACETATE ION'
4 non-polymer 'SULFATE ION'
5 water water
#
_entity_poly.entity_id   1
_entity_poly.type   'polypeptide(L)'
_entity_poly.pdbx_seq_one_letter_code
;MIDQKEKELIKESWKRIEPNKNEIGLLFYANLFKEEPTVSVLFQNPISSQSRKLMQVLGILVQGIDNLEGLIPTLQDLGR
RHKQYGVVDSHYPLVGDCLLKSIQEYLGQGFTEEAKAAWTKVYGIAAQVMTAEHHHHHH
;
_entity_poly.pdbx_strand_id   A,B,C
#
loop_
_chem_comp.id
_chem_comp.type
_chem_comp.name
_chem_comp.formula
ACT non-polymer 'ACETATE ION' 'C2 H3 O2 -1'
HEM non-polymer 'PROTOPORPHYRIN IX CONTAINING FE' 'C34 H32 Fe N4 O4'
SO4 non-polymer 'SULFATE ION' 'O4 S -2'
#
# COMPACT_ATOMS: atom_id res chain seq x y z
N ILE A 2 -22.86 30.07 0.98
CA ILE A 2 -21.46 30.00 0.60
C ILE A 2 -21.07 31.15 -0.34
N ASP A 3 -20.34 32.12 0.19
CA ASP A 3 -19.87 33.23 -0.62
C ASP A 3 -18.63 32.86 -1.44
N GLN A 4 -18.19 33.78 -2.29
CA GLN A 4 -17.06 33.50 -3.18
C GLN A 4 -15.76 33.28 -2.40
N LYS A 5 -15.65 33.91 -1.23
CA LYS A 5 -14.48 33.77 -0.38
C LYS A 5 -14.43 32.35 0.20
N GLU A 6 -15.58 31.85 0.61
CA GLU A 6 -15.67 30.50 1.15
C GLU A 6 -15.40 29.46 0.07
N LYS A 7 -15.97 29.65 -1.11
CA LYS A 7 -15.72 28.74 -2.23
C LYS A 7 -14.23 28.65 -2.56
N GLU A 8 -13.55 29.78 -2.47
CA GLU A 8 -12.12 29.82 -2.73
C GLU A 8 -11.35 29.00 -1.70
N LEU A 9 -11.67 29.20 -0.42
CA LEU A 9 -11.00 28.49 0.66
C LEU A 9 -11.16 26.97 0.49
N ILE A 10 -12.34 26.53 0.04
CA ILE A 10 -12.59 25.11 -0.19
C ILE A 10 -11.67 24.56 -1.27
N LYS A 11 -11.59 25.26 -2.40
CA LYS A 11 -10.75 24.82 -3.49
C LYS A 11 -9.26 24.80 -3.11
N GLU A 12 -8.84 25.83 -2.37
CA GLU A 12 -7.44 25.95 -1.92
C GLU A 12 -7.05 24.86 -0.92
N SER A 13 -7.92 24.63 0.07
CA SER A 13 -7.63 23.62 1.07
C SER A 13 -7.70 22.20 0.48
N TRP A 14 -8.53 22.01 -0.54
CA TRP A 14 -8.63 20.69 -1.14
C TRP A 14 -7.31 20.30 -1.81
N LYS A 15 -6.54 21.28 -2.24
CA LYS A 15 -5.25 20.99 -2.85
C LYS A 15 -4.27 20.39 -1.83
N ARG A 16 -4.52 20.63 -0.55
CA ARG A 16 -3.72 20.07 0.53
CA ARG A 16 -3.71 20.03 0.50
C ARG A 16 -4.35 18.77 1.06
N ILE A 17 -5.68 18.71 1.03
CA ILE A 17 -6.38 17.51 1.48
C ILE A 17 -6.21 16.36 0.50
N GLU A 18 -6.39 16.63 -0.79
CA GLU A 18 -6.43 15.58 -1.78
C GLU A 18 -5.21 14.65 -1.83
N PRO A 19 -3.98 15.21 -1.80
CA PRO A 19 -2.79 14.36 -1.82
C PRO A 19 -2.65 13.52 -0.54
N ASN A 20 -3.33 13.97 0.52
CA ASN A 20 -3.34 13.29 1.80
C ASN A 20 -4.65 12.52 2.06
N LYS A 21 -5.45 12.34 1.03
CA LYS A 21 -6.84 11.93 1.25
C LYS A 21 -6.95 10.53 1.85
N ASN A 22 -6.05 9.61 1.49
CA ASN A 22 -6.14 8.24 1.98
C ASN A 22 -5.92 8.23 3.48
N GLU A 23 -4.88 8.92 3.91
CA GLU A 23 -4.57 8.97 5.32
C GLU A 23 -5.62 9.73 6.11
N ILE A 24 -6.08 10.85 5.58
CA ILE A 24 -7.08 11.65 6.28
C ILE A 24 -8.38 10.82 6.48
N GLY A 25 -8.79 10.09 5.46
CA GLY A 25 -10.01 9.30 5.54
C GLY A 25 -9.88 8.25 6.62
N LEU A 26 -8.74 7.57 6.62
CA LEU A 26 -8.52 6.50 7.59
C LEU A 26 -8.39 7.02 9.02
N LEU A 27 -7.71 8.17 9.20
CA LEU A 27 -7.61 8.82 10.51
C LEU A 27 -9.00 9.15 11.03
N PHE A 28 -9.83 9.62 10.13
CA PHE A 28 -11.20 9.98 10.44
C PHE A 28 -11.94 8.78 11.06
N TYR A 29 -11.85 7.61 10.43
CA TYR A 29 -12.49 6.41 11.03
C TYR A 29 -11.93 6.04 12.39
N ALA A 30 -10.60 6.10 12.56
CA ALA A 30 -10.00 5.83 13.85
C ALA A 30 -10.53 6.79 14.90
N ASN A 31 -10.54 8.08 14.54
CA ASN A 31 -11.03 9.11 15.46
C ASN A 31 -12.52 8.96 15.76
N LEU A 32 -13.29 8.65 14.73
CA LEU A 32 -14.74 8.51 14.87
C LEU A 32 -15.06 7.35 15.83
N PHE A 33 -14.40 6.22 15.61
CA PHE A 33 -14.68 5.04 16.42
C PHE A 33 -14.21 5.20 17.87
N LYS A 34 -13.20 6.04 18.10
CA LYS A 34 -12.78 6.35 19.46
C LYS A 34 -13.72 7.35 20.15
N GLU A 35 -14.13 8.37 19.40
CA GLU A 35 -14.99 9.43 19.94
C GLU A 35 -16.39 8.91 20.19
N GLU A 36 -16.91 8.12 19.25
CA GLU A 36 -18.28 7.62 19.35
C GLU A 36 -18.32 6.11 19.15
N PRO A 37 -17.92 5.37 20.20
CA PRO A 37 -17.76 3.92 20.14
C PRO A 37 -19.01 3.19 19.65
N THR A 38 -20.16 3.84 19.77
CA THR A 38 -21.43 3.21 19.38
C THR A 38 -21.67 3.12 17.86
N VAL A 39 -21.07 4.03 17.08
CA VAL A 39 -21.39 4.08 15.65
C VAL A 39 -20.64 3.07 14.80
N SER A 40 -19.55 2.50 15.32
CA SER A 40 -18.75 1.58 14.52
C SER A 40 -19.52 0.34 14.08
N VAL A 41 -20.53 -0.04 14.85
CA VAL A 41 -21.35 -1.17 14.47
C VAL A 41 -22.09 -0.94 13.16
N LEU A 42 -22.25 0.32 12.76
CA LEU A 42 -22.96 0.61 11.52
C LEU A 42 -22.11 0.36 10.28
N PHE A 43 -20.80 0.36 10.45
CA PHE A 43 -19.90 0.21 9.32
C PHE A 43 -19.53 -1.24 9.15
N GLN A 44 -20.08 -1.85 8.11
CA GLN A 44 -20.01 -3.30 7.95
C GLN A 44 -19.20 -3.74 6.73
N ASN A 45 -18.70 -2.77 5.97
CA ASN A 45 -17.79 -3.09 4.86
C ASN A 45 -16.35 -2.72 5.25
N PRO A 46 -15.36 -3.18 4.46
CA PRO A 46 -13.96 -2.86 4.82
C PRO A 46 -13.76 -1.35 4.92
N ILE A 47 -13.08 -0.93 5.98
CA ILE A 47 -12.89 0.48 6.26
C ILE A 47 -12.01 1.14 5.18
N SER A 48 -11.06 0.38 4.66
CA SER A 48 -10.20 0.87 3.58
C SER A 48 -11.04 1.29 2.37
N SER A 49 -12.03 0.47 2.03
CA SER A 49 -12.90 0.76 0.89
C SER A 49 -13.84 1.93 1.23
N GLN A 50 -14.36 1.93 2.47
CA GLN A 50 -15.26 2.99 2.92
CA GLN A 50 -15.25 2.99 2.92
C GLN A 50 -14.58 4.36 2.85
N SER A 51 -13.33 4.41 3.29
CA SER A 51 -12.58 5.64 3.30
C SER A 51 -12.44 6.21 1.88
N ARG A 52 -12.14 5.35 0.92
CA ARG A 52 -12.05 5.78 -0.48
C ARG A 52 -13.36 6.36 -1.00
N LYS A 53 -14.47 5.75 -0.62
CA LYS A 53 -15.80 6.26 -1.02
C LYS A 53 -16.11 7.62 -0.42
N LEU A 54 -15.88 7.79 0.89
CA LEU A 54 -16.09 9.08 1.52
C LEU A 54 -15.25 10.18 0.85
N MET A 55 -13.96 9.92 0.65
CA MET A 55 -13.08 10.96 0.11
C MET A 55 -13.42 11.29 -1.35
N GLN A 56 -13.89 10.29 -2.10
CA GLN A 56 -14.34 10.54 -3.46
C GLN A 56 -15.52 11.51 -3.51
N VAL A 57 -16.47 11.37 -2.58
CA VAL A 57 -17.61 12.26 -2.54
C VAL A 57 -17.19 13.66 -2.10
N LEU A 58 -16.27 13.74 -1.15
CA LEU A 58 -15.77 15.06 -0.75
C LEU A 58 -15.15 15.75 -1.96
N GLY A 59 -14.47 14.99 -2.81
CA GLY A 59 -13.90 15.53 -4.03
C GLY A 59 -14.97 16.04 -4.98
N ILE A 60 -16.07 15.30 -5.07
CA ILE A 60 -17.19 15.69 -5.92
C ILE A 60 -17.86 16.98 -5.41
N LEU A 61 -17.91 17.15 -4.09
CA LEU A 61 -18.42 18.38 -3.51
C LEU A 61 -17.55 19.58 -3.88
N VAL A 62 -16.23 19.37 -3.88
CA VAL A 62 -15.30 20.43 -4.21
C VAL A 62 -15.44 20.80 -5.67
N GLN A 63 -15.40 19.79 -6.52
CA GLN A 63 -15.58 19.96 -7.95
C GLN A 63 -16.86 20.73 -8.32
N GLY A 64 -17.92 20.58 -7.53
CA GLY A 64 -19.17 21.26 -7.81
C GLY A 64 -19.47 22.40 -6.84
N ILE A 65 -18.43 22.90 -6.20
CA ILE A 65 -18.59 23.91 -5.15
C ILE A 65 -19.18 25.23 -5.67
N ASP A 66 -19.05 25.48 -6.96
CA ASP A 66 -19.58 26.70 -7.56
C ASP A 66 -21.08 26.55 -7.84
N ASN A 67 -21.52 25.31 -7.98
CA ASN A 67 -22.94 25.03 -8.13
C ASN A 67 -23.35 23.80 -7.34
N LEU A 68 -23.52 23.98 -6.04
CA LEU A 68 -23.86 22.87 -5.14
C LEU A 68 -25.28 22.38 -5.39
N GLU A 69 -26.17 23.29 -5.79
CA GLU A 69 -27.53 22.90 -6.15
C GLU A 69 -27.54 21.80 -7.21
N GLY A 70 -26.52 21.77 -8.06
CA GLY A 70 -26.40 20.74 -9.06
C GLY A 70 -26.20 19.35 -8.45
N LEU A 71 -25.92 19.33 -7.14
CA LEU A 71 -25.61 18.07 -6.46
C LEU A 71 -26.74 17.63 -5.53
N ILE A 72 -27.80 18.41 -5.48
CA ILE A 72 -28.96 18.07 -4.67
C ILE A 72 -29.45 16.64 -4.89
N PRO A 73 -29.62 16.25 -6.17
CA PRO A 73 -30.11 14.90 -6.47
C PRO A 73 -29.21 13.79 -5.91
N THR A 74 -27.94 13.81 -6.29
CA THR A 74 -27.00 12.81 -5.81
C THR A 74 -26.92 12.78 -4.28
N LEU A 75 -26.94 13.95 -3.66
CA LEU A 75 -26.92 14.04 -2.20
C LEU A 75 -28.21 13.50 -1.58
N GLN A 76 -29.32 13.71 -2.27
CA GLN A 76 -30.59 13.16 -1.79
C GLN A 76 -30.55 11.63 -1.84
N ASP A 77 -30.07 11.07 -2.94
CA ASP A 77 -29.96 9.63 -3.05
C ASP A 77 -29.04 9.06 -1.98
N LEU A 78 -27.95 9.77 -1.70
CA LEU A 78 -26.98 9.32 -0.69
C LEU A 78 -27.61 9.34 0.71
N GLY A 79 -28.38 10.38 1.00
CA GLY A 79 -29.02 10.48 2.30
C GLY A 79 -30.04 9.36 2.48
N ARG A 80 -30.66 8.94 1.39
CA ARG A 80 -31.67 7.89 1.43
C ARG A 80 -31.02 6.54 1.75
N ARG A 81 -29.87 6.30 1.14
CA ARG A 81 -29.08 5.10 1.40
C ARG A 81 -28.57 5.09 2.84
N HIS A 82 -28.23 6.27 3.37
CA HIS A 82 -27.81 6.38 4.76
C HIS A 82 -28.90 5.99 5.75
N LYS A 83 -30.14 6.34 5.44
CA LYS A 83 -31.25 5.89 6.26
C LYS A 83 -31.25 4.38 6.33
N GLN A 84 -31.00 3.75 5.18
CA GLN A 84 -30.95 2.29 5.09
C GLN A 84 -29.76 1.68 5.84
N TYR A 85 -28.74 2.50 6.15
CA TYR A 85 -27.57 2.03 6.90
C TYR A 85 -27.75 2.18 8.39
N GLY A 86 -28.91 2.70 8.81
CA GLY A 86 -29.16 2.90 10.23
C GLY A 86 -28.71 4.26 10.73
N VAL A 87 -28.33 5.14 9.81
CA VAL A 87 -27.89 6.49 10.19
C VAL A 87 -29.09 7.38 10.50
N VAL A 88 -28.98 8.14 11.58
CA VAL A 88 -30.02 9.08 11.98
C VAL A 88 -29.48 10.50 11.99
N ASP A 89 -30.40 11.46 12.04
CA ASP A 89 -30.03 12.87 11.91
C ASP A 89 -28.96 13.30 12.91
N SER A 90 -29.04 12.79 14.13
CA SER A 90 -28.12 13.23 15.17
C SER A 90 -26.68 12.76 14.94
N HIS A 91 -26.48 11.82 14.02
CA HIS A 91 -25.13 11.34 13.71
C HIS A 91 -24.33 12.39 12.94
N TYR A 92 -25.04 13.21 12.16
CA TYR A 92 -24.39 14.12 11.24
C TYR A 92 -23.46 15.18 11.86
N PRO A 93 -23.86 15.83 12.97
CA PRO A 93 -22.92 16.75 13.60
C PRO A 93 -21.68 16.04 14.15
N LEU A 94 -21.86 14.81 14.64
CA LEU A 94 -20.76 14.06 15.23
C LEU A 94 -19.73 13.71 14.15
N VAL A 95 -20.22 13.30 12.99
CA VAL A 95 -19.36 12.94 11.87
C VAL A 95 -18.67 14.17 11.29
N GLY A 96 -19.43 15.27 11.20
CA GLY A 96 -18.87 16.51 10.69
C GLY A 96 -17.75 17.01 11.58
N ASP A 97 -17.99 17.01 12.89
CA ASP A 97 -16.99 17.46 13.86
CA ASP A 97 -16.98 17.46 13.85
C ASP A 97 -15.73 16.60 13.77
N CYS A 98 -15.94 15.29 13.70
CA CYS A 98 -14.83 14.35 13.66
CA CYS A 98 -14.83 14.35 13.66
C CYS A 98 -14.00 14.49 12.38
N LEU A 99 -14.69 14.66 11.25
CA LEU A 99 -14.03 14.82 9.95
C LEU A 99 -13.17 16.08 9.95
N LEU A 100 -13.76 17.19 10.39
CA LEU A 100 -13.03 18.46 10.42
C LEU A 100 -11.84 18.41 11.37
N LYS A 101 -12.04 17.81 12.54
CA LYS A 101 -10.94 17.63 13.50
C LYS A 101 -9.83 16.74 12.94
N SER A 102 -10.21 15.76 12.12
CA SER A 102 -9.23 14.84 11.54
C SER A 102 -8.39 15.52 10.45
N ILE A 103 -9.04 16.30 9.61
CA ILE A 103 -8.32 17.08 8.61
C ILE A 103 -7.36 18.03 9.34
N GLN A 104 -7.87 18.71 10.37
CA GLN A 104 -7.05 19.60 11.18
C GLN A 104 -5.83 18.89 11.77
N GLU A 105 -6.07 17.73 12.38
CA GLU A 105 -5.00 16.95 12.97
C GLU A 105 -3.92 16.58 11.94
N TYR A 106 -4.34 16.09 10.79
CA TYR A 106 -3.37 15.58 9.83
C TYR A 106 -2.61 16.72 9.16
N LEU A 107 -3.30 17.81 8.87
CA LEU A 107 -2.69 18.92 8.11
C LEU A 107 -2.03 19.98 8.98
N GLY A 108 -2.37 20.00 10.26
CA GLY A 108 -1.86 20.97 11.21
C GLY A 108 -2.02 22.41 10.76
N GLN A 109 -0.93 23.16 10.70
CA GLN A 109 -0.98 24.56 10.30
C GLN A 109 -1.34 24.70 8.82
N GLY A 110 -1.20 23.62 8.06
CA GLY A 110 -1.57 23.60 6.65
C GLY A 110 -3.07 23.81 6.42
N PHE A 111 -3.84 23.72 7.50
CA PHE A 111 -5.29 23.88 7.44
C PHE A 111 -5.71 25.04 8.36
N THR A 112 -6.04 26.18 7.74
CA THR A 112 -6.33 27.40 8.50
C THR A 112 -7.70 27.39 9.19
N GLU A 113 -7.89 28.26 10.17
CA GLU A 113 -9.20 28.38 10.80
C GLU A 113 -10.25 28.80 9.78
N GLU A 114 -9.87 29.64 8.83
CA GLU A 114 -10.78 30.11 7.82
C GLU A 114 -11.20 28.96 6.92
N ALA A 115 -10.25 28.09 6.57
CA ALA A 115 -10.55 26.91 5.77
C ALA A 115 -11.48 25.97 6.55
N LYS A 116 -11.18 25.76 7.82
CA LYS A 116 -12.00 24.90 8.66
C LYS A 116 -13.44 25.44 8.76
N ALA A 117 -13.60 26.76 8.81
CA ALA A 117 -14.92 27.37 8.91
C ALA A 117 -15.70 27.18 7.62
N ALA A 118 -15.04 27.32 6.49
CA ALA A 118 -15.67 27.08 5.21
C ALA A 118 -16.12 25.61 5.07
N TRP A 119 -15.25 24.69 5.46
CA TRP A 119 -15.60 23.28 5.39
C TRP A 119 -16.76 22.92 6.33
N THR A 120 -16.83 23.59 7.47
CA THR A 120 -17.94 23.41 8.38
C THR A 120 -19.26 23.73 7.68
N LYS A 121 -19.28 24.85 6.93
CA LYS A 121 -20.50 25.27 6.25
C LYS A 121 -20.86 24.32 5.10
N VAL A 122 -19.86 23.89 4.35
CA VAL A 122 -20.09 22.99 3.24
C VAL A 122 -20.61 21.65 3.74
N TYR A 123 -20.07 21.18 4.87
CA TYR A 123 -20.53 19.93 5.43
C TYR A 123 -21.97 20.06 5.93
N GLY A 124 -22.26 21.16 6.61
CA GLY A 124 -23.59 21.43 7.11
C GLY A 124 -24.61 21.44 5.98
N ILE A 125 -24.22 22.01 4.85
CA ILE A 125 -25.07 22.05 3.68
C ILE A 125 -25.33 20.66 3.10
N ALA A 126 -24.26 19.86 3.02
CA ALA A 126 -24.38 18.50 2.51
C ALA A 126 -25.29 17.67 3.42
N ALA A 127 -25.12 17.85 4.74
CA ALA A 127 -25.90 17.09 5.70
C ALA A 127 -27.38 17.52 5.68
N GLN A 128 -27.62 18.80 5.44
CA GLN A 128 -29.00 19.30 5.28
C GLN A 128 -29.72 18.64 4.10
N VAL A 129 -29.06 18.60 2.96
CA VAL A 129 -29.63 17.98 1.77
C VAL A 129 -29.82 16.47 1.96
N MET A 130 -28.89 15.83 2.67
CA MET A 130 -28.94 14.39 2.87
C MET A 130 -30.06 13.99 3.84
N THR A 131 -30.39 14.86 4.78
CA THR A 131 -31.40 14.54 5.76
C THR A 131 -32.76 15.15 5.41
N ALA A 132 -32.79 16.00 4.39
CA ALA A 132 -34.02 16.64 3.92
C ALA A 132 -34.71 17.43 5.03
N ILE B 2 12.74 -17.53 14.29
CA ILE B 2 12.38 -17.63 12.88
C ILE B 2 13.53 -18.12 12.01
N ASP B 3 13.19 -18.79 10.90
CA ASP B 3 14.22 -19.36 10.02
C ASP B 3 14.64 -18.42 8.89
N GLN B 4 15.59 -18.86 8.07
CA GLN B 4 16.11 -17.98 7.04
C GLN B 4 15.05 -17.54 6.03
N LYS B 5 14.19 -18.45 5.61
CA LYS B 5 13.17 -18.08 4.63
C LYS B 5 12.22 -17.05 5.23
N GLU B 6 11.90 -17.21 6.50
CA GLU B 6 11.02 -16.25 7.17
C GLU B 6 11.63 -14.85 7.24
N LYS B 7 12.91 -14.80 7.59
CA LYS B 7 13.64 -13.54 7.59
C LYS B 7 13.58 -12.87 6.22
N GLU B 8 13.76 -13.66 5.16
CA GLU B 8 13.70 -13.11 3.81
C GLU B 8 12.32 -12.56 3.46
N LEU B 9 11.28 -13.28 3.86
CA LEU B 9 9.91 -12.87 3.59
C LEU B 9 9.59 -11.57 4.31
N ILE B 10 10.07 -11.43 5.54
CA ILE B 10 9.88 -10.19 6.28
C ILE B 10 10.51 -9.02 5.52
N LYS B 11 11.75 -9.19 5.08
CA LYS B 11 12.44 -8.14 4.37
C LYS B 11 11.77 -7.79 3.03
N GLU B 12 11.36 -8.80 2.28
CA GLU B 12 10.79 -8.55 0.95
C GLU B 12 9.39 -7.95 1.08
N SER B 13 8.58 -8.49 1.99
CA SER B 13 7.22 -7.99 2.16
C SER B 13 7.22 -6.58 2.74
N TRP B 14 8.24 -6.24 3.53
CA TRP B 14 8.32 -4.87 4.05
C TRP B 14 8.44 -3.87 2.91
N LYS B 15 8.98 -4.30 1.77
CA LYS B 15 9.07 -3.41 0.61
C LYS B 15 7.71 -2.94 0.07
N ARG B 16 6.68 -3.74 0.31
CA ARG B 16 5.32 -3.34 -0.02
C ARG B 16 4.59 -2.68 1.15
N ILE B 17 4.86 -3.15 2.36
CA ILE B 17 4.25 -2.54 3.55
C ILE B 17 4.72 -1.12 3.79
N GLU B 18 6.03 -0.92 3.69
CA GLU B 18 6.61 0.36 4.08
C GLU B 18 6.06 1.60 3.38
N PRO B 19 5.93 1.55 2.04
CA PRO B 19 5.40 2.71 1.30
C PRO B 19 3.94 2.98 1.65
N ASN B 20 3.28 2.00 2.24
CA ASN B 20 1.87 2.12 2.63
C ASN B 20 1.69 2.16 4.14
N LYS B 21 2.77 2.39 4.87
CA LYS B 21 2.73 2.14 6.31
C LYS B 21 1.82 3.08 7.10
N ASN B 22 1.70 4.33 6.67
CA ASN B 22 0.84 5.30 7.32
C ASN B 22 -0.62 4.89 7.21
N GLU B 23 -0.98 4.45 6.01
CA GLU B 23 -2.35 4.03 5.76
C GLU B 23 -2.67 2.76 6.53
N ILE B 24 -1.74 1.80 6.49
CA ILE B 24 -1.95 0.55 7.20
C ILE B 24 -2.13 0.79 8.71
N GLY B 25 -1.27 1.65 9.26
CA GLY B 25 -1.35 1.98 10.68
C GLY B 25 -2.69 2.59 11.08
N LEU B 26 -3.16 3.53 10.26
CA LEU B 26 -4.41 4.23 10.55
C LEU B 26 -5.61 3.29 10.40
N LEU B 27 -5.59 2.49 9.33
CA LEU B 27 -6.60 1.45 9.17
C LEU B 27 -6.60 0.49 10.37
N PHE B 28 -5.42 0.15 10.87
CA PHE B 28 -5.30 -0.72 12.03
C PHE B 28 -6.06 -0.15 13.25
N TYR B 29 -5.89 1.13 13.52
CA TYR B 29 -6.60 1.72 14.67
C TYR B 29 -8.11 1.74 14.44
N ALA B 30 -8.53 2.05 13.22
CA ALA B 30 -9.96 2.00 12.92
C ALA B 30 -10.49 0.58 13.16
N ASN B 31 -9.80 -0.41 12.63
CA ASN B 31 -10.24 -1.79 12.81
C ASN B 31 -10.19 -2.23 14.27
N LEU B 32 -9.13 -1.83 14.97
CA LEU B 32 -8.95 -2.17 16.38
C LEU B 32 -10.08 -1.59 17.23
N PHE B 33 -10.35 -0.31 17.04
CA PHE B 33 -11.38 0.38 17.82
C PHE B 33 -12.76 -0.16 17.50
N LYS B 34 -12.99 -0.58 16.26
CA LYS B 34 -14.25 -1.24 15.93
C LYS B 34 -14.37 -2.63 16.58
N GLU B 35 -13.30 -3.41 16.54
CA GLU B 35 -13.33 -4.78 17.07
C GLU B 35 -13.47 -4.79 18.59
N GLU B 36 -12.78 -3.87 19.24
CA GLU B 36 -12.77 -3.82 20.71
C GLU B 36 -12.85 -2.38 21.17
N PRO B 37 -14.05 -1.81 21.18
CA PRO B 37 -14.18 -0.38 21.49
C PRO B 37 -13.56 -0.02 22.84
N THR B 38 -13.46 -0.97 23.76
CA THR B 38 -12.94 -0.63 25.08
C THR B 38 -11.48 -0.18 25.09
N VAL B 39 -10.67 -0.67 24.14
CA VAL B 39 -9.26 -0.32 24.17
C VAL B 39 -8.99 1.11 23.74
N SER B 40 -9.95 1.73 23.06
CA SER B 40 -9.70 3.05 22.52
C SER B 40 -9.46 4.09 23.62
N VAL B 41 -9.97 3.83 24.82
CA VAL B 41 -9.77 4.77 25.93
C VAL B 41 -8.32 4.82 26.39
N LEU B 42 -7.57 3.76 26.12
CA LEU B 42 -6.16 3.72 26.52
C LEU B 42 -5.29 4.63 25.67
N PHE B 43 -5.78 4.95 24.47
CA PHE B 43 -5.03 5.77 23.54
C PHE B 43 -5.34 7.25 23.73
N GLN B 44 -4.45 7.94 24.45
CA GLN B 44 -4.71 9.29 24.87
C GLN B 44 -4.11 10.35 23.95
N ASN B 45 -3.12 9.95 23.16
CA ASN B 45 -2.46 10.88 22.25
C ASN B 45 -3.00 10.81 20.84
N PRO B 46 -2.72 11.82 20.01
CA PRO B 46 -3.29 11.82 18.66
C PRO B 46 -2.93 10.55 17.91
N ILE B 47 -3.94 10.00 17.25
CA ILE B 47 -3.80 8.73 16.55
C ILE B 47 -2.83 8.84 15.38
N SER B 48 -2.80 9.98 14.72
CA SER B 48 -1.84 10.20 13.62
C SER B 48 -0.41 10.02 14.12
N SER B 49 -0.10 10.56 15.30
CA SER B 49 1.25 10.39 15.83
C SER B 49 1.48 8.98 16.36
N GLN B 50 0.47 8.36 16.96
CA GLN B 50 0.59 6.99 17.45
CA GLN B 50 0.60 7.00 17.44
C GLN B 50 0.90 6.01 16.32
N SER B 51 0.21 6.16 15.19
CA SER B 51 0.42 5.26 14.07
C SER B 51 1.86 5.34 13.57
N ARG B 52 2.41 6.54 13.56
CA ARG B 52 3.80 6.71 13.12
C ARG B 52 4.76 5.98 14.07
N LYS B 53 4.50 6.08 15.37
CA LYS B 53 5.32 5.39 16.35
C LYS B 53 5.25 3.86 16.19
N LEU B 54 4.04 3.34 16.03
CA LEU B 54 3.87 1.90 15.87
C LEU B 54 4.60 1.42 14.62
N MET B 55 4.44 2.14 13.53
CA MET B 55 5.04 1.70 12.26
C MET B 55 6.58 1.85 12.30
N GLN B 56 7.07 2.82 13.08
CA GLN B 56 8.51 2.97 13.30
C GLN B 56 9.07 1.72 13.97
N VAL B 57 8.40 1.22 15.01
CA VAL B 57 8.87 0.00 15.66
C VAL B 57 8.79 -1.22 14.74
N LEU B 58 7.73 -1.35 13.96
CA LEU B 58 7.69 -2.44 12.98
C LEU B 58 8.90 -2.38 12.05
N GLY B 59 9.26 -1.17 11.61
CA GLY B 59 10.42 -0.97 10.77
C GLY B 59 11.69 -1.42 11.45
N ILE B 60 11.79 -1.13 12.76
CA ILE B 60 12.94 -1.58 13.56
C ILE B 60 13.02 -3.11 13.65
N LEU B 61 11.87 -3.77 13.79
CA LEU B 61 11.84 -5.23 13.79
C LEU B 61 12.39 -5.75 12.46
N VAL B 62 12.01 -5.10 11.37
CA VAL B 62 12.50 -5.50 10.05
C VAL B 62 14.01 -5.26 9.94
N GLN B 63 14.44 -4.09 10.35
CA GLN B 63 15.87 -3.75 10.34
C GLN B 63 16.69 -4.77 11.13
N GLY B 64 16.12 -5.26 12.23
CA GLY B 64 16.81 -6.20 13.09
C GLY B 64 16.45 -7.66 12.92
N ILE B 65 15.72 -7.98 11.84
CA ILE B 65 15.13 -9.30 11.69
C ILE B 65 16.13 -10.48 11.69
N ASP B 66 17.37 -10.26 11.30
CA ASP B 66 18.36 -11.33 11.26
CA ASP B 66 18.37 -11.32 11.26
C ASP B 66 18.85 -11.67 12.67
N ASN B 67 18.62 -10.75 13.61
CA ASN B 67 19.06 -10.96 14.99
C ASN B 67 18.07 -10.35 15.97
N LEU B 68 16.89 -10.95 16.08
CA LEU B 68 15.85 -10.42 16.95
C LEU B 68 16.28 -10.43 18.42
N GLU B 69 17.10 -11.42 18.77
CA GLU B 69 17.71 -11.47 20.09
C GLU B 69 18.35 -10.13 20.47
N GLY B 70 18.92 -9.43 19.49
CA GLY B 70 19.52 -8.14 19.72
C GLY B 70 18.57 -7.02 20.12
N LEU B 71 17.28 -7.21 19.87
CA LEU B 71 16.27 -6.18 20.16
C LEU B 71 15.54 -6.46 21.46
N ILE B 72 15.91 -7.56 22.13
CA ILE B 72 15.21 -7.95 23.36
C ILE B 72 15.16 -6.83 24.40
N PRO B 73 16.29 -6.18 24.68
CA PRO B 73 16.25 -5.08 25.66
C PRO B 73 15.30 -3.94 25.26
N THR B 74 15.32 -3.54 23.98
CA THR B 74 14.41 -2.50 23.49
C THR B 74 12.95 -2.94 23.66
N LEU B 75 12.68 -4.19 23.31
CA LEU B 75 11.31 -4.71 23.41
C LEU B 75 10.88 -4.86 24.86
N GLN B 76 11.82 -5.20 25.74
CA GLN B 76 11.50 -5.29 27.16
C GLN B 76 11.15 -3.90 27.72
N ASP B 77 11.91 -2.89 27.31
CA ASP B 77 11.60 -1.51 27.72
C ASP B 77 10.21 -1.11 27.21
N LEU B 78 9.93 -1.47 25.95
CA LEU B 78 8.65 -1.13 25.36
C LEU B 78 7.50 -1.82 26.12
N GLY B 79 7.69 -3.08 26.47
CA GLY B 79 6.71 -3.86 27.19
C GLY B 79 6.46 -3.27 28.57
N ARG B 80 7.53 -2.81 29.21
CA ARG B 80 7.43 -2.18 30.52
C ARG B 80 6.58 -0.92 30.46
N ARG B 81 6.83 -0.07 29.46
CA ARG B 81 6.05 1.13 29.24
C ARG B 81 4.59 0.82 28.94
N HIS B 82 4.34 -0.25 28.20
CA HIS B 82 2.97 -0.67 27.91
C HIS B 82 2.18 -1.04 29.17
N LYS B 83 2.82 -1.77 30.08
CA LYS B 83 2.18 -2.08 31.36
C LYS B 83 1.66 -0.80 32.00
N GLN B 84 2.45 0.25 31.94
CA GLN B 84 2.07 1.54 32.52
C GLN B 84 0.84 2.14 31.84
N TYR B 85 0.68 1.87 30.53
CA TYR B 85 -0.46 2.39 29.77
C TYR B 85 -1.75 1.65 30.12
N GLY B 86 -1.64 0.54 30.85
CA GLY B 86 -2.81 -0.26 31.17
C GLY B 86 -2.99 -1.44 30.23
N VAL B 87 -1.98 -1.70 29.41
CA VAL B 87 -2.00 -2.85 28.52
C VAL B 87 -1.73 -4.13 29.29
N VAL B 88 -2.50 -5.16 28.99
CA VAL B 88 -2.34 -6.45 29.66
C VAL B 88 -2.14 -7.56 28.65
N ASP B 89 -1.75 -8.73 29.14
CA ASP B 89 -1.33 -9.81 28.25
C ASP B 89 -2.34 -10.14 27.15
N SER B 90 -3.62 -10.23 27.52
CA SER B 90 -4.66 -10.62 26.56
C SER B 90 -4.87 -9.62 25.42
N HIS B 91 -4.39 -8.40 25.60
CA HIS B 91 -4.47 -7.38 24.55
C HIS B 91 -3.59 -7.74 23.36
N TYR B 92 -2.49 -8.46 23.62
CA TYR B 92 -1.52 -8.73 22.54
C TYR B 92 -2.06 -9.58 21.36
N PRO B 93 -2.77 -10.69 21.63
CA PRO B 93 -3.32 -11.43 20.49
C PRO B 93 -4.35 -10.61 19.71
N LEU B 94 -5.12 -9.79 20.43
CA LEU B 94 -6.12 -8.92 19.81
C LEU B 94 -5.43 -7.96 18.83
N VAL B 95 -4.39 -7.28 19.32
CA VAL B 95 -3.64 -6.33 18.51
C VAL B 95 -2.96 -7.03 17.33
N GLY B 96 -2.38 -8.20 17.59
CA GLY B 96 -1.70 -8.96 16.55
C GLY B 96 -2.64 -9.35 15.41
N ASP B 97 -3.78 -9.92 15.76
CA ASP B 97 -4.78 -10.33 14.79
C ASP B 97 -5.25 -9.14 13.96
N CYS B 98 -5.52 -8.03 14.63
CA CYS B 98 -6.01 -6.84 13.98
CA CYS B 98 -6.01 -6.81 13.98
C CYS B 98 -4.95 -6.22 13.05
N LEU B 99 -3.71 -6.19 13.52
CA LEU B 99 -2.63 -5.66 12.69
C LEU B 99 -2.45 -6.51 11.41
N LEU B 100 -2.34 -7.82 11.56
CA LEU B 100 -2.18 -8.71 10.40
C LEU B 100 -3.35 -8.58 9.43
N LYS B 101 -4.57 -8.52 9.95
CA LYS B 101 -5.75 -8.39 9.10
C LYS B 101 -5.77 -7.06 8.38
N SER B 102 -5.26 -6.01 9.02
CA SER B 102 -5.23 -4.70 8.39
C SER B 102 -4.21 -4.64 7.25
N ILE B 103 -3.04 -5.25 7.49
CA ILE B 103 -2.03 -5.32 6.42
C ILE B 103 -2.64 -6.11 5.25
N GLN B 104 -3.29 -7.23 5.56
CA GLN B 104 -3.93 -8.07 4.54
C GLN B 104 -5.00 -7.31 3.78
N GLU B 105 -5.87 -6.61 4.52
CA GLU B 105 -6.90 -5.79 3.90
C GLU B 105 -6.32 -4.72 2.97
N TYR B 106 -5.35 -3.96 3.44
CA TYR B 106 -4.87 -2.84 2.63
C TYR B 106 -4.11 -3.31 1.37
N LEU B 107 -3.32 -4.37 1.49
CA LEU B 107 -2.48 -4.82 0.38
C LEU B 107 -3.17 -5.83 -0.53
N GLY B 108 -4.24 -6.43 -0.02
CA GLY B 108 -4.91 -7.52 -0.74
C GLY B 108 -3.95 -8.65 -1.05
N GLN B 109 -4.01 -9.15 -2.28
CA GLN B 109 -3.17 -10.30 -2.64
C GLN B 109 -1.69 -9.92 -2.72
N GLY B 110 -1.39 -8.63 -2.64
CA GLY B 110 -0.01 -8.18 -2.56
C GLY B 110 0.68 -8.65 -1.27
N PHE B 111 -0.10 -9.02 -0.27
CA PHE B 111 0.44 -9.57 0.99
C PHE B 111 0.28 -11.09 0.87
N THR B 112 1.37 -11.78 0.55
CA THR B 112 1.29 -13.20 0.27
C THR B 112 1.02 -14.05 1.51
N GLU B 113 0.45 -15.23 1.28
CA GLU B 113 0.21 -16.15 2.37
C GLU B 113 1.51 -16.46 3.13
N GLU B 114 2.63 -16.56 2.40
CA GLU B 114 3.91 -16.85 3.02
C GLU B 114 4.40 -15.69 3.89
N ALA B 115 4.31 -14.47 3.36
CA ALA B 115 4.69 -13.29 4.13
C ALA B 115 3.81 -13.13 5.35
N LYS B 116 2.50 -13.40 5.21
CA LYS B 116 1.60 -13.28 6.36
C LYS B 116 1.96 -14.25 7.48
N ALA B 117 2.31 -15.49 7.12
CA ALA B 117 2.74 -16.46 8.11
C ALA B 117 4.01 -16.01 8.85
N ALA B 118 4.98 -15.46 8.11
CA ALA B 118 6.20 -14.96 8.74
C ALA B 118 5.90 -13.80 9.70
N TRP B 119 5.10 -12.84 9.25
CA TRP B 119 4.71 -11.71 10.11
C TRP B 119 3.97 -12.14 11.38
N THR B 120 3.11 -13.15 11.24
CA THR B 120 2.39 -13.69 12.39
C THR B 120 3.36 -14.19 13.46
N LYS B 121 4.38 -14.91 13.01
CA LYS B 121 5.40 -15.42 13.90
C LYS B 121 6.22 -14.29 14.54
N VAL B 122 6.58 -13.28 13.75
CA VAL B 122 7.37 -12.18 14.27
C VAL B 122 6.60 -11.38 15.35
N TYR B 123 5.32 -11.09 15.08
CA TYR B 123 4.50 -10.40 16.07
C TYR B 123 4.44 -11.21 17.36
N GLY B 124 4.28 -12.53 17.21
CA GLY B 124 4.22 -13.43 18.34
C GLY B 124 5.48 -13.35 19.19
N ILE B 125 6.63 -13.34 18.52
CA ILE B 125 7.90 -13.20 19.24
C ILE B 125 7.99 -11.86 19.97
N ALA B 126 7.66 -10.77 19.28
CA ALA B 126 7.69 -9.44 19.88
C ALA B 126 6.79 -9.38 21.12
N ALA B 127 5.59 -9.92 20.98
CA ALA B 127 4.62 -9.92 22.07
C ALA B 127 5.18 -10.69 23.26
N GLN B 128 5.80 -11.82 22.98
CA GLN B 128 6.36 -12.66 24.03
C GLN B 128 7.45 -11.91 24.80
N VAL B 129 8.33 -11.21 24.09
CA VAL B 129 9.40 -10.45 24.73
C VAL B 129 8.86 -9.28 25.55
N MET B 130 7.86 -8.59 25.00
CA MET B 130 7.27 -7.44 25.68
C MET B 130 6.58 -7.82 26.99
N THR B 131 6.08 -9.05 27.07
CA THR B 131 5.26 -9.48 28.20
C THR B 131 5.92 -10.46 29.16
N ALA B 132 7.13 -10.92 28.84
CA ALA B 132 7.80 -11.93 29.66
C ALA B 132 8.07 -11.43 31.08
N ILE C 2 9.69 2.63 -29.87
CA ILE C 2 11.02 2.21 -30.30
C ILE C 2 11.18 2.22 -31.83
N ASP C 3 12.41 2.48 -32.29
CA ASP C 3 12.75 2.56 -33.70
C ASP C 3 12.54 1.29 -34.47
N GLN C 4 12.70 1.39 -35.79
CA GLN C 4 12.81 0.21 -36.62
C GLN C 4 14.19 -0.42 -36.42
N LYS C 5 15.19 0.42 -36.22
CA LYS C 5 16.54 -0.10 -35.99
C LYS C 5 16.60 -0.85 -34.67
N GLU C 6 15.92 -0.32 -33.67
CA GLU C 6 15.87 -0.99 -32.38
C GLU C 6 15.12 -2.31 -32.52
N LYS C 7 14.01 -2.31 -33.25
CA LYS C 7 13.29 -3.55 -33.52
C LYS C 7 14.21 -4.58 -34.14
N GLU C 8 15.04 -4.15 -35.09
CA GLU C 8 15.89 -5.09 -35.80
C GLU C 8 17.04 -5.56 -34.90
N LEU C 9 17.51 -4.69 -34.01
CA LEU C 9 18.55 -5.04 -33.06
C LEU C 9 18.03 -6.10 -32.08
N ILE C 10 16.77 -5.96 -31.68
CA ILE C 10 16.13 -6.97 -30.85
C ILE C 10 16.08 -8.31 -31.56
N LYS C 11 15.68 -8.31 -32.82
CA LYS C 11 15.59 -9.58 -33.55
C LYS C 11 16.96 -10.23 -33.76
N GLU C 12 17.97 -9.42 -34.07
CA GLU C 12 19.31 -9.95 -34.33
C GLU C 12 19.92 -10.51 -33.05
N SER C 13 19.78 -9.76 -31.95
CA SER C 13 20.34 -10.24 -30.69
C SER C 13 19.58 -11.45 -30.15
N TRP C 14 18.28 -11.52 -30.42
CA TRP C 14 17.52 -12.72 -30.08
C TRP C 14 18.08 -13.97 -30.79
N LYS C 15 18.55 -13.80 -32.03
CA LYS C 15 19.15 -14.95 -32.70
C LYS C 15 20.41 -15.45 -31.99
N ARG C 16 21.04 -14.57 -31.21
CA ARG C 16 22.19 -14.94 -30.37
C ARG C 16 21.74 -15.51 -29.01
N ILE C 17 20.70 -14.90 -28.44
CA ILE C 17 20.20 -15.33 -27.13
C ILE C 17 19.50 -16.69 -27.18
N GLU C 18 18.66 -16.88 -28.19
CA GLU C 18 17.76 -18.02 -28.22
C GLU C 18 18.45 -19.40 -28.15
N PRO C 19 19.53 -19.61 -28.91
CA PRO C 19 20.21 -20.91 -28.85
C PRO C 19 20.92 -21.13 -27.51
N ASN C 20 21.05 -20.07 -26.73
CA ASN C 20 21.71 -20.09 -25.42
C ASN C 20 20.74 -19.71 -24.29
N LYS C 21 19.45 -19.76 -24.59
CA LYS C 21 18.46 -19.24 -23.65
C LYS C 21 18.39 -19.99 -22.34
N ASN C 22 18.62 -21.30 -22.36
CA ASN C 22 18.59 -22.08 -21.12
C ASN C 22 19.71 -21.64 -20.17
N GLU C 23 20.91 -21.53 -20.72
CA GLU C 23 22.08 -21.08 -19.96
C GLU C 23 21.93 -19.64 -19.48
N ILE C 24 21.47 -18.76 -20.36
CA ILE C 24 21.33 -17.35 -20.02
C ILE C 24 20.31 -17.18 -18.88
N GLY C 25 19.19 -17.89 -19.00
CA GLY C 25 18.17 -17.85 -17.96
C GLY C 25 18.72 -18.29 -16.60
N LEU C 26 19.45 -19.40 -16.59
CA LEU C 26 19.94 -19.93 -15.33
C LEU C 26 21.03 -19.04 -14.73
N LEU C 27 21.93 -18.55 -15.58
CA LEU C 27 22.92 -17.56 -15.17
C LEU C 27 22.24 -16.33 -14.55
N PHE C 28 21.14 -15.88 -15.17
CA PHE C 28 20.37 -14.79 -14.61
C PHE C 28 19.99 -15.02 -13.14
N TYR C 29 19.46 -16.19 -12.80
CA TYR C 29 19.06 -16.42 -11.40
C TYR C 29 20.24 -16.45 -10.45
N ALA C 30 21.33 -17.07 -10.88
CA ALA C 30 22.55 -17.11 -10.08
C ALA C 30 23.01 -15.69 -9.79
N ASN C 31 23.06 -14.86 -10.83
CA ASN C 31 23.47 -13.47 -10.66
C ASN C 31 22.48 -12.66 -9.83
N LEU C 32 21.19 -12.90 -10.03
CA LEU C 32 20.16 -12.21 -9.27
C LEU C 32 20.27 -12.49 -7.77
N PHE C 33 20.44 -13.77 -7.44
CA PHE C 33 20.45 -14.19 -6.04
C PHE C 33 21.78 -13.77 -5.38
N LYS C 34 22.84 -13.68 -6.17
CA LYS C 34 24.11 -13.13 -5.66
C LYS C 34 23.97 -11.63 -5.34
N GLU C 35 23.26 -10.91 -6.20
CA GLU C 35 23.16 -9.45 -6.09
C GLU C 35 22.19 -9.04 -4.98
N GLU C 36 21.09 -9.75 -4.87
CA GLU C 36 20.02 -9.42 -3.93
C GLU C 36 19.70 -10.70 -3.18
N PRO C 37 20.34 -10.90 -2.01
CA PRO C 37 20.41 -12.22 -1.39
C PRO C 37 19.12 -12.72 -0.75
N THR C 38 18.05 -11.92 -0.69
CA THR C 38 16.81 -12.38 -0.08
C THR C 38 15.67 -12.59 -1.09
N VAL C 39 15.85 -12.08 -2.31
CA VAL C 39 14.76 -12.11 -3.27
C VAL C 39 14.40 -13.53 -3.68
N SER C 40 15.35 -14.45 -3.53
CA SER C 40 15.12 -15.85 -3.91
C SER C 40 13.95 -16.45 -3.16
N VAL C 41 13.61 -15.92 -1.99
CA VAL C 41 12.50 -16.51 -1.25
C VAL C 41 11.16 -16.42 -2.02
N LEU C 42 11.04 -15.47 -2.94
CA LEU C 42 9.79 -15.30 -3.68
C LEU C 42 9.58 -16.42 -4.72
N PHE C 43 10.67 -17.05 -5.13
CA PHE C 43 10.60 -18.10 -6.14
C PHE C 43 10.34 -19.45 -5.50
N GLN C 44 9.09 -19.90 -5.59
CA GLN C 44 8.64 -21.08 -4.88
C GLN C 44 8.76 -22.36 -5.71
N ASN C 45 8.95 -22.20 -7.00
CA ASN C 45 9.04 -23.39 -7.86
C ASN C 45 10.46 -23.63 -8.36
N PRO C 46 10.72 -24.80 -8.96
CA PRO C 46 12.08 -25.10 -9.40
C PRO C 46 12.63 -24.04 -10.33
N ILE C 47 13.87 -23.64 -10.08
CA ILE C 47 14.48 -22.57 -10.85
C ILE C 47 14.61 -22.93 -12.34
N SER C 48 14.89 -24.19 -12.63
CA SER C 48 15.00 -24.59 -14.03
C SER C 48 13.66 -24.39 -14.75
N SER C 49 12.56 -24.68 -14.06
CA SER C 49 11.23 -24.46 -14.62
C SER C 49 10.94 -22.99 -14.80
N GLN C 50 11.27 -22.19 -13.79
CA GLN C 50 11.04 -20.75 -13.85
CA GLN C 50 11.03 -20.76 -13.87
C GLN C 50 11.83 -20.12 -15.00
N SER C 51 13.07 -20.57 -15.16
CA SER C 51 13.92 -19.99 -16.18
C SER C 51 13.33 -20.18 -17.58
N ARG C 52 12.78 -21.36 -17.81
CA ARG C 52 12.14 -21.66 -19.08
CA ARG C 52 12.15 -21.65 -19.08
C ARG C 52 10.96 -20.73 -19.34
N LYS C 53 10.18 -20.43 -18.29
CA LYS C 53 9.05 -19.52 -18.42
C LYS C 53 9.46 -18.09 -18.76
N LEU C 54 10.50 -17.59 -18.09
CA LEU C 54 10.96 -16.24 -18.33
C LEU C 54 11.42 -16.12 -19.77
N MET C 55 12.24 -17.07 -20.21
CA MET C 55 12.85 -16.99 -21.54
C MET C 55 11.77 -17.16 -22.61
N GLN C 56 10.75 -17.94 -22.31
CA GLN C 56 9.60 -18.05 -23.24
C GLN C 56 8.92 -16.71 -23.43
N VAL C 57 8.71 -15.94 -22.36
CA VAL C 57 8.10 -14.64 -22.52
C VAL C 57 8.98 -13.65 -23.24
N LEU C 58 10.29 -13.73 -22.99
CA LEU C 58 11.22 -12.87 -23.71
C LEU C 58 11.06 -13.15 -25.22
N GLY C 59 10.92 -14.43 -25.55
CA GLY C 59 10.71 -14.84 -26.93
C GLY C 59 9.42 -14.30 -27.53
N ILE C 60 8.38 -14.26 -26.70
CA ILE C 60 7.09 -13.71 -27.11
C ILE C 60 7.20 -12.21 -27.38
N LEU C 61 7.98 -11.51 -26.55
CA LEU C 61 8.29 -10.09 -26.76
C LEU C 61 8.95 -9.87 -28.11
N VAL C 62 9.92 -10.72 -28.44
CA VAL C 62 10.65 -10.59 -29.71
C VAL C 62 9.70 -10.86 -30.87
N GLN C 63 8.99 -11.98 -30.78
CA GLN C 63 7.96 -12.37 -31.73
C GLN C 63 7.01 -11.21 -32.04
N GLY C 64 6.69 -10.42 -31.01
CA GLY C 64 5.75 -9.33 -31.17
C GLY C 64 6.38 -7.95 -31.20
N ILE C 65 7.67 -7.87 -31.52
CA ILE C 65 8.37 -6.59 -31.40
C ILE C 65 7.89 -5.52 -32.39
N ASP C 66 7.28 -5.94 -33.49
CA ASP C 66 6.82 -4.97 -34.49
C ASP C 66 5.56 -4.26 -34.01
N ASN C 67 4.87 -4.88 -33.05
CA ASN C 67 3.69 -4.28 -32.44
C ASN C 67 3.51 -4.70 -30.98
N LEU C 68 4.24 -4.01 -30.10
CA LEU C 68 4.23 -4.32 -28.67
C LEU C 68 2.87 -4.01 -28.07
N GLU C 69 2.22 -2.98 -28.60
CA GLU C 69 0.87 -2.61 -28.16
C GLU C 69 -0.04 -3.83 -28.09
N GLY C 70 0.11 -4.74 -29.06
CA GLY C 70 -0.70 -5.95 -29.09
C GLY C 70 -0.44 -6.91 -27.94
N LEU C 71 0.66 -6.70 -27.22
CA LEU C 71 1.01 -7.55 -26.09
C LEU C 71 0.65 -6.90 -24.75
N ILE C 72 0.10 -5.70 -24.81
CA ILE C 72 -0.22 -4.96 -23.59
C ILE C 72 -1.14 -5.75 -22.65
N PRO C 73 -2.24 -6.32 -23.17
CA PRO C 73 -3.10 -7.14 -22.32
C PRO C 73 -2.33 -8.27 -21.64
N THR C 74 -1.53 -9.00 -22.42
CA THR C 74 -0.69 -10.07 -21.89
C THR C 74 0.21 -9.57 -20.75
N LEU C 75 0.83 -8.42 -20.97
CA LEU C 75 1.76 -7.89 -19.98
C LEU C 75 1.04 -7.41 -18.73
N GLN C 76 -0.12 -6.79 -18.92
CA GLN C 76 -0.95 -6.36 -17.79
C GLN C 76 -1.35 -7.53 -16.91
N ASP C 77 -1.75 -8.64 -17.51
CA ASP C 77 -2.10 -9.85 -16.77
C ASP C 77 -0.89 -10.39 -16.02
N LEU C 78 0.26 -10.38 -16.70
CA LEU C 78 1.50 -10.84 -16.10
C LEU C 78 1.83 -9.98 -14.87
N GLY C 79 1.78 -8.67 -15.04
CA GLY C 79 2.06 -7.73 -13.96
C GLY C 79 1.15 -7.92 -12.77
N ARG C 80 -0.13 -8.19 -13.05
CA ARG C 80 -1.11 -8.45 -12.00
C ARG C 80 -0.71 -9.68 -11.17
N ARG C 81 -0.33 -10.76 -11.86
CA ARG C 81 0.11 -11.95 -11.17
C ARG C 81 1.39 -11.70 -10.39
N HIS C 82 2.28 -10.88 -10.92
CA HIS C 82 3.51 -10.60 -10.19
C HIS C 82 3.26 -9.91 -8.85
N LYS C 83 2.38 -8.93 -8.83
CA LYS C 83 2.01 -8.31 -7.56
C LYS C 83 1.53 -9.37 -6.54
N GLN C 84 0.84 -10.40 -7.02
CA GLN C 84 0.36 -11.48 -6.15
C GLN C 84 1.49 -12.41 -5.69
N TYR C 85 2.67 -12.30 -6.30
CA TYR C 85 3.83 -13.10 -5.88
C TYR C 85 4.66 -12.34 -4.86
N GLY C 86 4.30 -11.09 -4.62
CA GLY C 86 5.06 -10.24 -3.71
C GLY C 86 6.09 -9.38 -4.42
N VAL C 87 6.01 -9.32 -5.74
CA VAL C 87 6.93 -8.49 -6.51
C VAL C 87 6.53 -7.03 -6.42
N VAL C 88 7.51 -6.16 -6.13
CA VAL C 88 7.26 -4.73 -5.98
C VAL C 88 7.98 -3.94 -7.07
N ASP C 89 7.61 -2.67 -7.24
CA ASP C 89 8.19 -1.84 -8.28
C ASP C 89 9.72 -1.88 -8.30
N SER C 90 10.34 -1.77 -7.12
CA SER C 90 11.80 -1.70 -7.05
C SER C 90 12.50 -2.98 -7.52
N HIS C 91 11.77 -4.09 -7.59
CA HIS C 91 12.36 -5.32 -8.09
C HIS C 91 12.65 -5.20 -9.58
N TYR C 92 11.89 -4.37 -10.28
CA TYR C 92 11.99 -4.35 -11.76
C TYR C 92 13.34 -3.88 -12.32
N PRO C 93 13.87 -2.76 -11.81
CA PRO C 93 15.20 -2.32 -12.26
C PRO C 93 16.28 -3.32 -11.87
N LEU C 94 16.12 -3.98 -10.73
CA LEU C 94 17.04 -5.02 -10.27
C LEU C 94 17.10 -6.15 -11.29
N VAL C 95 15.94 -6.67 -11.64
CA VAL C 95 15.83 -7.79 -12.55
C VAL C 95 16.30 -7.40 -13.95
N GLY C 96 15.95 -6.19 -14.40
CA GLY C 96 16.38 -5.69 -15.69
C GLY C 96 17.89 -5.62 -15.79
N ASP C 97 18.52 -4.99 -14.80
CA ASP C 97 19.97 -4.88 -14.76
CA ASP C 97 19.97 -4.88 -14.76
C ASP C 97 20.63 -6.26 -14.75
N CYS C 98 20.13 -7.16 -13.92
CA CYS C 98 20.70 -8.49 -13.80
CA CYS C 98 20.72 -8.49 -13.80
C CYS C 98 20.54 -9.30 -15.09
N LEU C 99 19.36 -9.20 -15.69
CA LEU C 99 19.08 -9.89 -16.94
C LEU C 99 20.04 -9.43 -18.03
N LEU C 100 20.12 -8.12 -18.23
CA LEU C 100 20.99 -7.56 -19.28
C LEU C 100 22.45 -7.89 -19.01
N LYS C 101 22.88 -7.81 -17.76
CA LYS C 101 24.25 -8.19 -17.42
C LYS C 101 24.51 -9.68 -17.67
N SER C 102 23.50 -10.52 -17.47
CA SER C 102 23.69 -11.95 -17.66
C SER C 102 23.73 -12.29 -19.15
N ILE C 103 22.90 -11.63 -19.94
CA ILE C 103 23.00 -11.75 -21.40
C ILE C 103 24.39 -11.31 -21.88
N GLN C 104 24.82 -10.13 -21.44
CA GLN C 104 26.15 -9.63 -21.79
C GLN C 104 27.25 -10.59 -21.37
N GLU C 105 27.14 -11.13 -20.15
CA GLU C 105 28.17 -12.03 -19.66
C GLU C 105 28.27 -13.31 -20.50
N TYR C 106 27.12 -13.93 -20.78
CA TYR C 106 27.16 -15.21 -21.47
C TYR C 106 27.59 -15.06 -22.93
N LEU C 107 27.09 -14.03 -23.60
CA LEU C 107 27.35 -13.87 -25.04
C LEU C 107 28.62 -13.10 -25.34
N GLY C 108 29.15 -12.41 -24.33
CA GLY C 108 30.26 -11.50 -24.55
C GLY C 108 30.02 -10.55 -25.70
N GLN C 109 30.98 -10.45 -26.63
CA GLN C 109 30.90 -9.48 -27.70
C GLN C 109 29.75 -9.73 -28.70
N GLY C 110 29.19 -10.93 -28.67
CA GLY C 110 28.02 -11.25 -29.49
C GLY C 110 26.78 -10.47 -29.15
N PHE C 111 26.78 -9.84 -27.98
CA PHE C 111 25.69 -8.95 -27.56
C PHE C 111 26.24 -7.54 -27.67
N THR C 112 25.87 -6.84 -28.74
CA THR C 112 26.48 -5.53 -29.03
C THR C 112 25.97 -4.43 -28.11
N GLU C 113 26.72 -3.34 -28.01
CA GLU C 113 26.33 -2.22 -27.16
C GLU C 113 24.98 -1.68 -27.61
N GLU C 114 24.76 -1.66 -28.92
CA GLU C 114 23.52 -1.18 -29.49
CA GLU C 114 23.50 -1.16 -29.44
C GLU C 114 22.33 -2.10 -29.16
N ALA C 115 22.54 -3.41 -29.25
CA ALA C 115 21.49 -4.37 -28.94
C ALA C 115 21.12 -4.27 -27.44
N LYS C 116 22.13 -4.14 -26.59
CA LYS C 116 21.89 -3.96 -25.16
C LYS C 116 21.07 -2.71 -24.86
N ALA C 117 21.35 -1.62 -25.57
CA ALA C 117 20.59 -0.40 -25.38
C ALA C 117 19.13 -0.58 -25.83
N ALA C 118 18.93 -1.38 -26.87
CA ALA C 118 17.57 -1.67 -27.35
C ALA C 118 16.81 -2.56 -26.36
N TRP C 119 17.52 -3.55 -25.81
CA TRP C 119 16.88 -4.44 -24.84
C TRP C 119 16.56 -3.68 -23.55
N THR C 120 17.42 -2.74 -23.19
CA THR C 120 17.19 -1.89 -22.02
C THR C 120 15.86 -1.15 -22.19
N LYS C 121 15.63 -0.63 -23.39
CA LYS C 121 14.40 0.10 -23.70
C LYS C 121 13.19 -0.81 -23.66
N VAL C 122 13.29 -1.96 -24.32
CA VAL C 122 12.18 -2.90 -24.38
C VAL C 122 11.81 -3.40 -22.98
N TYR C 123 12.82 -3.72 -22.17
CA TYR C 123 12.53 -4.18 -20.82
C TYR C 123 11.81 -3.10 -20.01
N GLY C 124 12.25 -1.85 -20.14
CA GLY C 124 11.64 -0.74 -19.44
C GLY C 124 10.19 -0.55 -19.85
N ILE C 125 9.90 -0.79 -21.12
CA ILE C 125 8.53 -0.73 -21.63
C ILE C 125 7.66 -1.83 -21.03
N ALA C 126 8.18 -3.06 -21.04
CA ALA C 126 7.48 -4.20 -20.44
C ALA C 126 7.23 -3.97 -18.94
N ALA C 127 8.25 -3.49 -18.24
CA ALA C 127 8.13 -3.26 -16.80
C ALA C 127 7.09 -2.17 -16.51
N GLN C 128 7.11 -1.11 -17.32
CA GLN C 128 6.15 -0.02 -17.15
C GLN C 128 4.72 -0.51 -17.32
N VAL C 129 4.50 -1.38 -18.31
CA VAL C 129 3.17 -1.94 -18.55
C VAL C 129 2.74 -2.86 -17.42
N MET C 130 3.66 -3.69 -16.96
CA MET C 130 3.38 -4.65 -15.88
C MET C 130 3.10 -3.97 -14.54
N THR C 131 3.70 -2.81 -14.30
CA THR C 131 3.55 -2.12 -13.02
C THR C 131 2.49 -1.03 -13.02
N ALA C 132 2.06 -0.59 -14.19
CA ALA C 132 1.16 0.57 -14.28
C ALA C 132 -0.30 0.21 -14.01
CHA HEM D . -21.79 4.89 3.41
CHB HEM D . -20.59 9.44 2.24
CHC HEM D . -22.32 11.06 6.47
CHD HEM D . -22.32 6.46 8.00
C1A HEM D . -21.38 5.99 2.71
C2A HEM D . -20.92 6.01 1.33
C3A HEM D . -20.61 7.26 1.03
C4A HEM D . -20.83 8.09 2.18
CMA HEM D . -20.08 7.77 -0.33
CAA HEM D . -20.83 4.81 0.36
CBA HEM D . -22.16 4.08 0.26
CGA HEM D . -23.13 4.85 -0.59
O1A HEM D . -24.37 4.72 -0.35
O2A HEM D . -22.70 5.60 -1.49
C1B HEM D . -21.00 10.29 3.25
C2B HEM D . -20.96 11.74 3.23
C3B HEM D . -21.44 12.17 4.41
C4B HEM D . -21.78 11.01 5.20
CMB HEM D . -20.45 12.58 2.04
CAB HEM D . -21.67 13.60 4.98
CBB HEM D . -21.36 14.69 4.27
C1C HEM D . -22.47 9.94 7.26
C2C HEM D . -22.87 9.91 8.65
C3C HEM D . -22.85 8.66 9.06
C4C HEM D . -22.43 7.83 7.95
CMC HEM D . -23.27 11.10 9.56
CAC HEM D . -23.22 8.22 10.49
CBC HEM D . -22.64 7.16 11.10
C1D HEM D . -22.25 5.60 6.93
C2D HEM D . -22.43 4.17 6.98
C3D HEM D . -22.28 3.70 5.54
C4D HEM D . -22.00 4.87 4.77
CMD HEM D . -22.74 3.32 8.23
CAD HEM D . -22.35 2.26 4.98
CBD HEM D . -21.14 1.47 5.47
CGD HEM D . -21.23 0.06 4.94
O1D HEM D . -21.12 -0.13 3.70
O2D HEM D . -21.40 -0.87 5.76
NA HEM D . -21.31 7.28 3.21
NB HEM D . -21.48 9.89 4.46
NC HEM D . -22.19 8.64 6.84
ND HEM D . -22.01 5.95 5.62
FE HEM D . -21.70 7.92 5.07
C ACT E . -18.86 8.04 6.21
O ACT E . -19.70 7.65 5.36
OXT ACT E . -17.79 7.40 6.23
CH3 ACT E . -19.12 9.20 7.11
CHA HEM F . 2.18 3.10 22.80
CHB HEM F . 4.32 -0.04 19.79
CHC HEM F . 1.35 -3.50 21.39
CHD HEM F . -1.53 -0.06 23.27
C1A HEM F . 3.07 2.54 21.91
C2A HEM F . 4.28 3.16 21.39
C3A HEM F . 4.86 2.28 20.57
C4A HEM F . 4.07 1.09 20.53
CMA HEM F . 6.16 2.51 19.78
CAA HEM F . 4.78 4.58 21.70
CBA HEM F . 5.08 4.78 23.19
CGA HEM F . 6.23 3.92 23.61
O1A HEM F . 7.18 3.73 22.80
O2A HEM F . 6.22 3.45 24.79
C1B HEM F . 3.75 -1.27 19.99
C2B HEM F . 4.19 -2.53 19.40
C3B HEM F . 3.37 -3.48 19.83
C4B HEM F . 2.37 -2.88 20.71
CMB HEM F . 5.38 -2.72 18.45
CAB HEM F . 3.50 -4.96 19.46
CBB HEM F . 2.48 -5.78 19.76
C1C HEM F . 0.31 -2.86 22.02
C2C HEM F . -0.86 -3.50 22.55
C3C HEM F . -1.67 -2.57 23.06
C4C HEM F . -1.04 -1.29 22.86
CMC HEM F . -1.10 -5.02 22.53
CAC HEM F . -3.03 -2.82 23.73
CBC HEM F . -4.02 -1.93 23.56
C1D HEM F . -0.78 1.08 23.39
C2D HEM F . -1.18 2.26 24.11
C3D HEM F . -0.03 3.25 23.96
C4D HEM F . 0.97 2.56 23.17
CMD HEM F . -2.50 2.50 24.86
CAD HEM F . 0.06 4.66 24.54
CBD HEM F . -0.75 5.62 23.68
CGD HEM F . -0.63 6.97 24.34
O1D HEM F . -1.56 7.36 25.09
O2D HEM F . 0.42 7.64 24.12
NA HEM F . 2.97 1.27 21.36
NB HEM F . 2.63 -1.54 20.76
NC HEM F . 0.18 -1.49 22.23
ND HEM F . 0.48 1.31 22.86
FE HEM F . 1.57 -0.11 21.79
C ACT G . -0.11 0.32 19.32
O ACT G . 0.69 0.63 20.22
OXT ACT G . -0.52 1.23 18.57
CH3 ACT G . -0.58 -1.09 19.14
S SO4 H . 1.09 -12.93 25.07
O1 SO4 H . 1.23 -13.41 26.45
O2 SO4 H . 2.36 -13.07 24.37
O3 SO4 H . 0.06 -13.68 24.37
O4 SO4 H . 0.71 -11.52 25.14
S SO4 I . -6.92 -7.99 -4.54
O1 SO4 I . -7.67 -9.17 -4.10
O2 SO4 I . -5.50 -8.17 -4.30
O3 SO4 I . -7.13 -7.78 -5.97
O4 SO4 I . -7.39 -6.82 -3.80
CHA HEM J . 6.81 -15.73 -12.37
CHB HEM J . 8.14 -13.45 -16.45
CHC HEM J . 9.72 -9.66 -13.85
CHD HEM J . 9.73 -12.58 -9.98
C1A HEM J . 6.94 -15.43 -13.71
C2A HEM J . 6.38 -16.15 -14.83
C3A HEM J . 6.74 -15.53 -15.96
C4A HEM J . 7.55 -14.38 -15.60
CMA HEM J . 6.35 -15.99 -17.39
CAA HEM J . 5.50 -17.44 -14.74
CBA HEM J . 4.27 -17.18 -13.87
CGA HEM J . 3.32 -16.26 -14.59
O1A HEM J . 2.63 -15.45 -13.91
O2A HEM J . 3.26 -16.29 -15.86
C1B HEM J . 8.62 -12.20 -16.11
C2B HEM J . 8.95 -11.11 -17.03
C3B HEM J . 9.39 -10.07 -16.30
C4B HEM J . 9.36 -10.46 -14.91
CMB HEM J . 8.82 -11.19 -18.57
CAB HEM J . 9.87 -8.67 -16.77
CBB HEM J . 9.79 -8.27 -18.04
C1C HEM J . 9.90 -10.12 -12.56
C2C HEM J . 10.44 -9.37 -11.44
C3C HEM J . 10.46 -10.17 -10.38
C4C HEM J . 9.90 -11.46 -10.78
CMC HEM J . 10.90 -7.90 -11.49
CAC HEM J . 10.95 -9.77 -8.97
CBC HEM J . 11.45 -10.72 -8.17
C1D HEM J . 8.86 -13.63 -10.21
C2D HEM J . 8.39 -14.56 -9.21
C3D HEM J . 7.48 -15.53 -9.95
C4D HEM J . 7.49 -15.11 -11.34
CMD HEM J . 8.70 -14.59 -7.70
CAD HEM J . 6.73 -16.72 -9.32
CBD HEM J . 7.67 -17.91 -9.23
CGD HEM J . 6.92 -19.06 -8.59
O1D HEM J . 6.30 -19.86 -9.34
O2D HEM J . 6.95 -19.18 -7.34
NA HEM J . 7.65 -14.36 -14.21
NB HEM J . 8.88 -11.76 -14.83
NC HEM J . 9.59 -11.38 -12.11
ND HEM J . 8.31 -14.00 -11.44
FE HEM J . 8.63 -12.89 -13.16
C ACT K . 11.56 -13.90 -13.41
O ACT K . 10.31 -14.06 -13.46
OXT ACT K . 12.22 -14.95 -13.33
CH3 ACT K . 12.20 -12.55 -13.44
S SO4 L . 4.36 -2.00 -5.48
O1 SO4 L . 4.21 -2.36 -4.06
O2 SO4 L . 5.69 -1.41 -5.67
O3 SO4 L . 4.21 -3.18 -6.31
O4 SO4 L . 3.32 -1.03 -5.84
#